data_4NCQ
#
_entry.id   4NCQ
#
_cell.length_a   59.950
_cell.length_b   110.742
_cell.length_c   111.861
_cell.angle_alpha   90.000
_cell.angle_beta   90.000
_cell.angle_gamma   90.000
#
_symmetry.space_group_name_H-M   'C 2 2 21'
#
loop_
_entity.id
_entity.type
_entity.pdbx_description
1 polymer 'Superoxide dismutase [Ni]'
2 water water
#
_entity_poly.entity_id   1
_entity_poly.type   'polypeptide(L)'
_entity_poly.pdbx_seq_one_letter_code
;ACDLPCGVYDPAQARIEAESVKAVQEKMAGNDDPHFQTRATVIKEQRAELAKHHVSVLWSDYFKPPHFEKYPELHQLVND
TLKALSAAKGSKDPATGQKALDYIAQIDKIFWETKKA
;
_entity_poly.pdbx_strand_id   A,B,C
#
# COMPACT_ATOMS: atom_id res chain seq x y z
N CYS A 6 7.33 24.02 -4.14
CA CYS A 6 6.70 24.96 -5.12
C CYS A 6 7.59 26.20 -5.32
N GLY A 7 8.36 26.28 -6.42
CA GLY A 7 8.42 25.25 -7.47
C GLY A 7 9.68 24.41 -7.45
N VAL A 8 9.88 23.67 -6.36
CA VAL A 8 11.07 22.80 -6.18
C VAL A 8 10.76 21.34 -6.53
N TYR A 9 11.08 21.00 -7.77
CA TYR A 9 10.76 19.70 -8.33
C TYR A 9 12.03 19.13 -8.95
N ASP A 10 12.11 17.82 -9.04
CA ASP A 10 13.27 17.17 -9.63
C ASP A 10 12.88 15.78 -10.11
N PRO A 11 13.09 15.50 -11.41
CA PRO A 11 12.79 14.18 -12.00
C PRO A 11 13.63 13.05 -11.44
N ALA A 12 14.61 13.38 -10.60
CA ALA A 12 15.37 12.35 -9.87
C ALA A 12 14.45 11.45 -9.03
N GLN A 13 13.35 12.00 -8.52
CA GLN A 13 12.41 11.22 -7.70
C GLN A 13 11.72 10.11 -8.50
N ALA A 14 11.19 10.47 -9.66
CA ALA A 14 10.63 9.52 -10.59
C ALA A 14 11.67 8.48 -10.99
N ARG A 15 12.86 8.94 -11.38
CA ARG A 15 13.93 8.05 -11.81
C ARG A 15 14.31 7.03 -10.76
N ILE A 16 14.50 7.46 -9.51
CA ILE A 16 14.91 6.56 -8.43
C ILE A 16 13.86 5.47 -8.18
N GLU A 17 12.59 5.84 -8.26
CA GLU A 17 11.51 4.88 -8.02
C GLU A 17 11.39 3.91 -9.21
N ALA A 18 11.66 4.41 -10.42
CA ALA A 18 11.65 3.55 -11.62
C ALA A 18 12.87 2.62 -11.66
N GLU A 19 13.98 3.06 -11.09
CA GLU A 19 15.13 2.17 -10.92
C GLU A 19 14.78 1.03 -9.95
N SER A 20 13.99 1.32 -8.92
CA SER A 20 13.58 0.30 -7.94
C SER A 20 12.78 -0.76 -8.66
N VAL A 21 11.89 -0.32 -9.54
CA VAL A 21 11.05 -1.21 -10.32
C VAL A 21 11.91 -2.18 -11.13
N LYS A 22 12.86 -1.65 -11.88
CA LYS A 22 13.76 -2.48 -12.68
C LYS A 22 14.64 -3.40 -11.83
N ALA A 23 15.15 -2.87 -10.72
CA ALA A 23 15.97 -3.65 -9.83
C ALA A 23 15.19 -4.85 -9.30
N VAL A 24 13.91 -4.64 -8.97
CA VAL A 24 13.06 -5.71 -8.44
C VAL A 24 12.80 -6.75 -9.53
N GLN A 25 12.48 -6.26 -10.73
CA GLN A 25 12.32 -7.14 -11.89
C GLN A 25 13.57 -8.01 -12.06
N GLU A 26 14.74 -7.41 -11.96
CA GLU A 26 15.97 -8.17 -12.13
C GLU A 26 16.17 -9.25 -11.07
N LYS A 27 15.71 -8.98 -9.84
CA LYS A 27 15.84 -9.95 -8.74
C LYS A 27 14.87 -11.12 -8.88
N MET A 28 13.73 -10.87 -9.52
CA MET A 28 12.73 -11.92 -9.71
C MET A 28 13.21 -13.04 -10.62
N ALA A 29 14.21 -12.78 -11.44
CA ALA A 29 14.84 -13.85 -12.24
C ALA A 29 15.77 -14.73 -11.39
N GLY A 30 16.23 -14.20 -10.25
CA GLY A 30 17.24 -14.86 -9.43
C GLY A 30 16.77 -15.83 -8.34
N ASN A 31 15.46 -15.84 -8.04
CA ASN A 31 14.94 -16.54 -6.86
C ASN A 31 13.50 -16.96 -7.08
N ASP A 32 13.28 -18.26 -7.26
CA ASP A 32 11.94 -18.79 -7.62
C ASP A 32 11.00 -19.00 -6.42
N ASP A 33 11.50 -18.75 -5.21
CA ASP A 33 10.70 -18.81 -3.97
C ASP A 33 9.38 -18.03 -4.14
N PRO A 34 8.22 -18.70 -4.01
CA PRO A 34 6.93 -18.00 -4.21
C PRO A 34 6.72 -16.81 -3.28
N HIS A 35 7.15 -16.94 -2.02
CA HIS A 35 7.10 -15.85 -1.05
C HIS A 35 7.87 -14.64 -1.53
N PHE A 36 9.11 -14.88 -1.97
CA PHE A 36 9.97 -13.84 -2.53
C PHE A 36 9.36 -13.19 -3.76
N GLN A 37 8.84 -14.00 -4.67
CA GLN A 37 8.17 -13.52 -5.89
C GLN A 37 7.00 -12.60 -5.55
N THR A 38 6.19 -13.03 -4.58
CA THR A 38 5.07 -12.23 -4.09
C THR A 38 5.53 -10.90 -3.48
N ARG A 39 6.51 -10.92 -2.58
CA ARG A 39 7.02 -9.67 -2.00
C ARG A 39 7.53 -8.74 -3.09
N ALA A 40 8.27 -9.31 -4.05
CA ALA A 40 8.81 -8.53 -5.16
C ALA A 40 7.68 -7.87 -5.94
N THR A 41 6.61 -8.62 -6.16
CA THR A 41 5.43 -8.10 -6.85
C THR A 41 4.75 -6.97 -6.07
N VAL A 42 4.58 -7.14 -4.76
CA VAL A 42 4.03 -6.09 -3.89
C VAL A 42 4.83 -4.79 -3.97
N ILE A 43 6.15 -4.90 -3.80
CA ILE A 43 7.06 -3.75 -3.84
C ILE A 43 7.04 -3.08 -5.22
N LYS A 44 7.10 -3.89 -6.26
CA LYS A 44 7.11 -3.38 -7.62
C LYS A 44 5.84 -2.58 -7.94
N GLU A 45 4.70 -3.06 -7.46
CA GLU A 45 3.44 -2.35 -7.67
C GLU A 45 3.46 -0.98 -6.99
N GLN A 46 3.97 -0.92 -5.75
CA GLN A 46 4.03 0.32 -4.99
C GLN A 46 4.97 1.34 -5.63
N ARG A 47 6.19 0.90 -5.93
CA ARG A 47 7.25 1.75 -6.49
C ARG A 47 6.90 2.31 -7.87
N ALA A 48 6.27 1.51 -8.71
CA ALA A 48 5.86 1.98 -10.04
C ALA A 48 4.78 3.05 -9.93
N GLU A 49 3.86 2.87 -9.00
CA GLU A 49 2.76 3.82 -8.79
C GLU A 49 3.31 5.14 -8.18
N LEU A 50 4.36 5.02 -7.35
CA LEU A 50 5.05 6.22 -6.81
C LEU A 50 5.77 6.98 -7.93
N ALA A 51 6.39 6.22 -8.83
CA ALA A 51 7.08 6.80 -9.98
C ALA A 51 6.11 7.54 -10.89
N LYS A 52 4.92 6.95 -11.07
CA LYS A 52 3.88 7.56 -11.87
C LYS A 52 3.37 8.85 -11.25
N HIS A 53 3.23 8.88 -9.93
CA HIS A 53 2.82 10.10 -9.22
C HIS A 53 3.86 11.20 -9.44
N HIS A 54 5.14 10.85 -9.31
CA HIS A 54 6.20 11.84 -9.49
C HIS A 54 6.21 12.41 -10.90
N VAL A 55 6.05 11.54 -11.91
CA VAL A 55 5.97 11.98 -13.30
C VAL A 55 4.75 12.88 -13.49
N SER A 56 3.60 12.43 -13.03
CA SER A 56 2.38 13.21 -13.15
C SER A 56 2.50 14.60 -12.50
N VAL A 57 3.12 14.65 -11.32
CA VAL A 57 3.29 15.91 -10.60
C VAL A 57 4.15 16.88 -11.39
N LEU A 58 5.25 16.41 -11.97
CA LEU A 58 6.10 17.27 -12.78
C LEU A 58 5.27 17.90 -13.89
N TRP A 59 4.42 17.08 -14.51
CA TRP A 59 3.65 17.49 -15.67
C TRP A 59 2.58 18.53 -15.32
N SER A 60 1.91 18.32 -14.19
CA SER A 60 0.82 19.21 -13.79
C SER A 60 1.28 20.42 -13.00
N ASP A 61 2.30 20.25 -12.17
CA ASP A 61 2.70 21.26 -11.20
C ASP A 61 3.94 22.05 -11.62
N TYR A 62 4.95 21.41 -12.20
CA TYR A 62 6.15 22.13 -12.65
C TYR A 62 6.02 22.74 -14.05
N PHE A 63 5.72 21.92 -15.05
CA PHE A 63 5.66 22.40 -16.43
C PHE A 63 4.45 23.33 -16.63
N LYS A 64 4.66 24.42 -17.35
CA LYS A 64 3.68 25.47 -17.58
C LYS A 64 3.44 25.68 -19.09
N PRO A 65 2.40 26.44 -19.46
CA PRO A 65 2.08 26.67 -20.87
C PRO A 65 3.26 26.99 -21.81
N PRO A 66 4.17 27.90 -21.41
CA PRO A 66 5.30 28.15 -22.33
C PRO A 66 6.13 26.91 -22.63
N HIS A 67 6.33 26.06 -21.62
CA HIS A 67 7.04 24.78 -21.78
C HIS A 67 6.35 23.87 -22.80
N PHE A 68 5.03 23.80 -22.75
CA PHE A 68 4.24 22.97 -23.69
C PHE A 68 4.21 23.51 -25.12
N GLU A 69 4.34 24.83 -25.28
CA GLU A 69 4.50 25.41 -26.62
C GLU A 69 5.91 25.20 -27.14
N LYS A 70 6.89 25.39 -26.26
CA LYS A 70 8.29 25.21 -26.62
C LYS A 70 8.61 23.73 -26.90
N TYR A 71 7.93 22.82 -26.19
CA TYR A 71 8.08 21.38 -26.41
C TYR A 71 6.71 20.73 -26.71
N PRO A 72 6.24 20.87 -27.96
CA PRO A 72 4.93 20.30 -28.34
C PRO A 72 4.79 18.80 -28.10
N GLU A 73 5.90 18.08 -28.03
CA GLU A 73 5.92 16.63 -27.79
C GLU A 73 5.75 16.21 -26.33
N LEU A 74 5.85 17.18 -25.41
CA LEU A 74 5.94 16.88 -23.97
C LEU A 74 4.69 16.21 -23.39
N HIS A 75 3.50 16.63 -23.81
CA HIS A 75 2.26 16.01 -23.32
C HIS A 75 2.26 14.50 -23.60
N GLN A 76 2.54 14.15 -24.84
CA GLN A 76 2.53 12.75 -25.27
C GLN A 76 3.67 11.96 -24.62
N LEU A 77 4.83 12.61 -24.51
CA LEU A 77 5.98 12.00 -23.86
C LEU A 77 5.65 11.62 -22.42
N VAL A 78 4.98 12.51 -21.70
CA VAL A 78 4.61 12.24 -20.30
C VAL A 78 3.59 11.09 -20.26
N ASN A 79 2.60 11.13 -21.15
CA ASN A 79 1.60 10.05 -21.20
C ASN A 79 2.25 8.70 -21.49
N ASP A 80 3.21 8.70 -22.42
CA ASP A 80 3.97 7.51 -22.77
C ASP A 80 4.78 6.99 -21.58
N THR A 81 5.33 7.91 -20.80
CA THR A 81 6.13 7.55 -19.63
C THR A 81 5.26 6.82 -18.60
N LEU A 82 4.09 7.39 -18.31
CA LEU A 82 3.15 6.79 -17.37
C LEU A 82 2.68 5.41 -17.83
N LYS A 83 2.35 5.28 -19.11
CA LYS A 83 1.95 4.00 -19.66
C LYS A 83 3.10 2.99 -19.61
N ALA A 84 4.34 3.46 -19.81
CA ALA A 84 5.50 2.58 -19.74
C ALA A 84 5.69 2.06 -18.31
N LEU A 85 5.46 2.94 -17.34
CA LEU A 85 5.54 2.56 -15.93
C LEU A 85 4.45 1.56 -15.57
N SER A 86 3.27 1.74 -16.17
CA SER A 86 2.15 0.79 -15.99
C SER A 86 2.49 -0.60 -16.56
N ALA A 87 3.10 -0.62 -17.74
CA ALA A 87 3.54 -1.86 -18.37
C ALA A 87 4.65 -2.55 -17.55
N ALA A 88 5.56 -1.76 -16.98
CA ALA A 88 6.59 -2.30 -16.11
C ALA A 88 5.98 -2.91 -14.85
N LYS A 89 4.97 -2.25 -14.32
CA LYS A 89 4.21 -2.73 -13.17
C LYS A 89 3.61 -4.12 -13.41
N GLY A 90 3.06 -4.33 -14.60
CA GLY A 90 2.46 -5.63 -14.96
C GLY A 90 3.44 -6.74 -15.31
N SER A 91 4.74 -6.44 -15.34
CA SER A 91 5.73 -7.34 -15.94
C SER A 91 6.89 -7.69 -15.01
N LYS A 92 7.48 -8.85 -15.29
CA LYS A 92 8.71 -9.31 -14.64
C LYS A 92 9.94 -9.02 -15.50
N ASP A 93 9.69 -8.61 -16.75
CA ASP A 93 10.77 -8.38 -17.71
C ASP A 93 11.45 -7.02 -17.45
N PRO A 94 12.74 -7.05 -17.06
CA PRO A 94 13.50 -5.82 -16.81
C PRO A 94 13.55 -4.84 -17.99
N ALA A 95 13.34 -5.32 -19.20
CA ALA A 95 13.31 -4.44 -20.37
C ALA A 95 12.18 -3.42 -20.27
N THR A 96 11.08 -3.79 -19.62
CA THR A 96 9.95 -2.88 -19.45
C THR A 96 10.31 -1.78 -18.46
N GLY A 97 11.03 -2.16 -17.41
CA GLY A 97 11.54 -1.19 -16.46
C GLY A 97 12.48 -0.20 -17.13
N GLN A 98 13.42 -0.74 -17.91
CA GLN A 98 14.37 0.07 -18.65
C GLN A 98 13.68 1.04 -19.63
N LYS A 99 12.64 0.59 -20.32
CA LYS A 99 11.90 1.49 -21.22
C LYS A 99 11.31 2.69 -20.46
N ALA A 100 10.70 2.45 -19.31
CA ALA A 100 10.21 3.54 -18.46
C ALA A 100 11.34 4.50 -18.05
N LEU A 101 12.50 3.94 -17.69
CA LEU A 101 13.68 4.77 -17.42
C LEU A 101 14.13 5.58 -18.62
N ASP A 102 14.05 4.98 -19.82
CA ASP A 102 14.39 5.70 -21.06
C ASP A 102 13.51 6.93 -21.25
N TYR A 103 12.20 6.74 -21.10
CA TYR A 103 11.26 7.86 -21.17
C TYR A 103 11.55 8.91 -20.09
N ILE A 104 11.76 8.49 -18.85
CA ILE A 104 12.04 9.44 -17.74
C ILE A 104 13.28 10.28 -18.05
N ALA A 105 14.30 9.67 -18.63
CA ALA A 105 15.51 10.38 -19.06
C ALA A 105 15.18 11.49 -20.07
N GLN A 106 14.23 11.22 -20.99
CA GLN A 106 13.79 12.23 -21.93
C GLN A 106 13.07 13.39 -21.22
N ILE A 107 12.28 13.08 -20.19
CA ILE A 107 11.64 14.15 -19.42
C ILE A 107 12.72 14.95 -18.71
N ASP A 108 13.66 14.24 -18.11
CA ASP A 108 14.73 14.85 -17.33
C ASP A 108 15.52 15.86 -18.18
N LYS A 109 15.78 15.51 -19.43
CA LYS A 109 16.57 16.36 -20.31
C LYS A 109 15.83 17.67 -20.57
N ILE A 110 14.57 17.59 -20.99
CA ILE A 110 13.71 18.77 -21.15
C ILE A 110 13.65 19.59 -19.85
N PHE A 111 13.44 18.91 -18.72
CA PHE A 111 13.34 19.56 -17.42
C PHE A 111 14.52 20.50 -17.15
N TRP A 112 15.74 19.98 -17.26
CA TRP A 112 16.94 20.78 -16.98
C TRP A 112 17.18 21.88 -18.01
N GLU A 113 16.65 21.72 -19.22
CA GLU A 113 16.65 22.84 -20.18
C GLU A 113 15.78 23.99 -19.71
N THR A 114 14.61 23.68 -19.15
CA THR A 114 13.67 24.71 -18.69
C THR A 114 14.22 25.48 -17.46
N LYS A 115 15.10 24.83 -16.71
CA LYS A 115 15.85 25.48 -15.64
C LYS A 115 16.87 26.50 -16.16
N LYS A 116 17.28 26.39 -17.42
CA LYS A 116 18.27 27.31 -18.00
C LYS A 116 17.62 28.53 -18.65
N ALA A 117 16.46 28.32 -19.28
CA ALA A 117 15.72 29.39 -19.93
C ALA A 117 14.23 29.04 -20.00
N VAL B 8 -21.08 16.27 1.91
CA VAL B 8 -20.59 16.13 0.51
C VAL B 8 -20.15 14.67 0.22
N TYR B 9 -21.03 13.74 0.54
CA TYR B 9 -20.75 12.32 0.45
C TYR B 9 -21.51 11.69 -0.71
N ASP B 10 -21.09 10.49 -1.10
CA ASP B 10 -21.78 9.76 -2.16
C ASP B 10 -21.33 8.32 -2.13
N PRO B 11 -22.26 7.38 -1.84
CA PRO B 11 -21.90 5.96 -1.80
C PRO B 11 -21.39 5.44 -3.14
N ALA B 12 -21.45 6.27 -4.19
CA ALA B 12 -20.86 5.93 -5.48
C ALA B 12 -19.35 5.65 -5.38
N GLN B 13 -18.68 6.32 -4.44
CA GLN B 13 -17.24 6.08 -4.22
C GLN B 13 -16.99 4.64 -3.78
N ALA B 14 -17.74 4.21 -2.76
CA ALA B 14 -17.73 2.80 -2.34
C ALA B 14 -18.07 1.84 -3.50
N ARG B 15 -19.12 2.17 -4.24
CA ARG B 15 -19.57 1.35 -5.38
C ARG B 15 -18.46 1.14 -6.39
N ILE B 16 -17.86 2.25 -6.85
CA ILE B 16 -16.82 2.21 -7.87
C ILE B 16 -15.68 1.30 -7.42
N GLU B 17 -15.24 1.43 -6.17
CA GLU B 17 -14.18 0.58 -5.65
C GLU B 17 -14.60 -0.89 -5.57
N ALA B 18 -15.82 -1.15 -5.10
CA ALA B 18 -16.34 -2.52 -5.02
C ALA B 18 -16.53 -3.14 -6.40
N GLU B 19 -16.87 -2.30 -7.40
CA GLU B 19 -16.94 -2.73 -8.81
C GLU B 19 -15.58 -3.19 -9.32
N SER B 20 -14.52 -2.50 -8.90
CA SER B 20 -13.16 -2.91 -9.28
C SER B 20 -12.85 -4.26 -8.65
N VAL B 21 -13.29 -4.46 -7.42
CA VAL B 21 -13.08 -5.74 -6.74
C VAL B 21 -13.66 -6.89 -7.59
N LYS B 22 -14.93 -6.76 -7.96
CA LYS B 22 -15.59 -7.81 -8.72
C LYS B 22 -14.90 -8.01 -10.06
N ALA B 23 -14.59 -6.91 -10.74
CA ALA B 23 -13.90 -6.95 -12.03
C ALA B 23 -12.60 -7.73 -11.95
N VAL B 24 -11.83 -7.52 -10.88
CA VAL B 24 -10.54 -8.18 -10.75
C VAL B 24 -10.75 -9.68 -10.52
N GLN B 25 -11.76 -10.03 -9.72
CA GLN B 25 -12.17 -11.42 -9.49
C GLN B 25 -12.51 -12.14 -10.79
N GLU B 26 -13.24 -11.44 -11.67
CA GLU B 26 -13.57 -12.02 -12.96
C GLU B 26 -12.31 -12.27 -13.77
N LYS B 27 -11.40 -11.30 -13.79
CA LYS B 27 -10.16 -11.44 -14.57
C LYS B 27 -9.34 -12.64 -14.09
N MET B 28 -9.43 -12.93 -12.80
CA MET B 28 -8.64 -13.99 -12.18
C MET B 28 -9.03 -15.38 -12.68
N ALA B 29 -10.21 -15.51 -13.27
CA ALA B 29 -10.68 -16.80 -13.77
C ALA B 29 -10.07 -17.13 -15.12
N GLY B 30 -9.68 -16.11 -15.87
CA GLY B 30 -9.24 -16.29 -17.25
C GLY B 30 -7.74 -16.27 -17.49
N ASN B 31 -6.95 -16.22 -16.43
CA ASN B 31 -5.50 -16.09 -16.56
C ASN B 31 -4.80 -16.63 -15.33
N ASP B 32 -4.19 -17.82 -15.46
CA ASP B 32 -3.60 -18.54 -14.33
C ASP B 32 -2.08 -18.26 -14.12
N ASP B 33 -1.52 -17.35 -14.90
CA ASP B 33 -0.13 -16.91 -14.71
C ASP B 33 0.06 -16.41 -13.27
N PRO B 34 1.02 -17.00 -12.53
CA PRO B 34 1.18 -16.70 -11.11
C PRO B 34 1.38 -15.22 -10.82
N HIS B 35 2.20 -14.56 -11.64
CA HIS B 35 2.45 -13.13 -11.47
C HIS B 35 1.17 -12.30 -11.63
N PHE B 36 0.38 -12.62 -12.65
CA PHE B 36 -0.92 -11.95 -12.84
C PHE B 36 -1.87 -12.21 -11.66
N GLN B 37 -1.89 -13.44 -11.17
CA GLN B 37 -2.74 -13.81 -10.04
C GLN B 37 -2.32 -13.05 -8.78
N THR B 38 -1.01 -12.91 -8.59
CA THR B 38 -0.45 -12.18 -7.46
C THR B 38 -0.83 -10.69 -7.52
N ARG B 39 -0.59 -10.06 -8.67
CA ARG B 39 -0.93 -8.65 -8.87
C ARG B 39 -2.43 -8.42 -8.67
N ALA B 40 -3.24 -9.29 -9.27
CA ALA B 40 -4.69 -9.19 -9.12
C ALA B 40 -5.06 -9.23 -7.63
N THR B 41 -4.41 -10.13 -6.90
CA THR B 41 -4.66 -10.27 -5.47
C THR B 41 -4.25 -9.01 -4.69
N VAL B 42 -3.09 -8.45 -5.05
CA VAL B 42 -2.60 -7.20 -4.45
C VAL B 42 -3.59 -6.06 -4.69
N ILE B 43 -4.02 -5.90 -5.94
CA ILE B 43 -4.94 -4.82 -6.33
C ILE B 43 -6.29 -4.98 -5.65
N LYS B 44 -6.80 -6.21 -5.60
CA LYS B 44 -8.08 -6.51 -4.97
C LYS B 44 -8.06 -6.10 -3.52
N GLU B 45 -6.98 -6.45 -2.84
CA GLU B 45 -6.84 -6.16 -1.41
C GLU B 45 -6.99 -4.65 -1.17
N GLN B 46 -6.26 -3.84 -1.92
CA GLN B 46 -6.32 -2.38 -1.80
C GLN B 46 -7.71 -1.86 -2.07
N ARG B 47 -8.29 -2.29 -3.19
CA ARG B 47 -9.59 -1.77 -3.62
C ARG B 47 -10.72 -2.10 -2.66
N ALA B 48 -10.69 -3.28 -2.07
CA ALA B 48 -11.72 -3.65 -1.09
C ALA B 48 -11.57 -2.81 0.16
N GLU B 49 -10.32 -2.57 0.56
CA GLU B 49 -10.09 -1.73 1.74
C GLU B 49 -10.49 -0.27 1.50
N LEU B 50 -10.30 0.23 0.28
CA LEU B 50 -10.76 1.59 -0.08
C LEU B 50 -12.30 1.67 -0.03
N ALA B 51 -12.97 0.69 -0.64
CA ALA B 51 -14.42 0.59 -0.57
C ALA B 51 -14.90 0.57 0.88
N LYS B 52 -14.24 -0.22 1.73
CA LYS B 52 -14.58 -0.32 3.16
C LYS B 52 -14.42 1.02 3.86
N HIS B 53 -13.36 1.74 3.50
CA HIS B 53 -13.09 3.04 4.10
C HIS B 53 -14.22 3.99 3.75
N HIS B 54 -14.63 3.97 2.48
CA HIS B 54 -15.71 4.84 2.02
C HIS B 54 -17.03 4.51 2.73
N VAL B 55 -17.33 3.23 2.89
CA VAL B 55 -18.55 2.79 3.57
C VAL B 55 -18.50 3.23 5.04
N SER B 56 -17.35 3.00 5.66
CA SER B 56 -17.18 3.32 7.08
C SER B 56 -17.33 4.81 7.37
N VAL B 57 -16.78 5.65 6.49
CA VAL B 57 -16.87 7.09 6.62
C VAL B 57 -18.32 7.59 6.51
N LEU B 58 -19.09 7.04 5.57
CA LEU B 58 -20.50 7.38 5.48
C LEU B 58 -21.18 7.21 6.83
N TRP B 59 -20.98 6.02 7.39
CA TRP B 59 -21.59 5.63 8.67
C TRP B 59 -21.14 6.51 9.83
N SER B 60 -19.86 6.85 9.87
CA SER B 60 -19.34 7.62 10.99
C SER B 60 -19.60 9.13 10.86
N ASP B 61 -19.55 9.63 9.63
CA ASP B 61 -19.55 11.06 9.38
C ASP B 61 -20.84 11.59 8.72
N TYR B 62 -21.48 10.80 7.86
CA TYR B 62 -22.70 11.29 7.22
C TYR B 62 -23.96 10.94 8.00
N PHE B 63 -24.14 9.67 8.33
CA PHE B 63 -25.35 9.25 9.02
C PHE B 63 -25.36 9.77 10.47
N LYS B 64 -26.52 10.25 10.91
CA LYS B 64 -26.72 10.96 12.18
C LYS B 64 -27.80 10.23 12.98
N PRO B 65 -27.90 10.51 14.29
CA PRO B 65 -28.92 9.86 15.11
C PRO B 65 -30.33 9.78 14.48
N PRO B 66 -30.87 10.89 13.93
CA PRO B 66 -32.17 10.77 13.27
C PRO B 66 -32.25 9.68 12.19
N HIS B 67 -31.17 9.50 11.43
CA HIS B 67 -31.15 8.47 10.39
C HIS B 67 -31.22 7.07 11.00
N PHE B 68 -30.53 6.85 12.11
CA PHE B 68 -30.49 5.54 12.74
C PHE B 68 -31.81 5.17 13.41
N GLU B 69 -32.52 6.16 13.94
CA GLU B 69 -33.86 5.93 14.50
C GLU B 69 -34.87 5.66 13.38
N LYS B 70 -34.72 6.36 12.27
CA LYS B 70 -35.61 6.18 11.13
C LYS B 70 -35.32 4.87 10.43
N TYR B 71 -34.06 4.43 10.44
CA TYR B 71 -33.66 3.19 9.80
C TYR B 71 -32.94 2.29 10.80
N PRO B 72 -33.72 1.60 11.66
CA PRO B 72 -33.15 0.75 12.72
C PRO B 72 -32.23 -0.37 12.24
N GLU B 73 -32.33 -0.74 10.97
CA GLU B 73 -31.51 -1.79 10.39
C GLU B 73 -30.17 -1.27 9.83
N LEU B 74 -29.95 0.04 9.87
CA LEU B 74 -28.81 0.64 9.17
C LEU B 74 -27.45 0.31 9.78
N HIS B 75 -27.36 0.28 11.11
CA HIS B 75 -26.10 -0.14 11.76
C HIS B 75 -25.66 -1.51 11.26
N GLN B 76 -26.59 -2.47 11.26
CA GLN B 76 -26.32 -3.86 10.87
C GLN B 76 -26.10 -3.98 9.35
N LEU B 77 -26.87 -3.22 8.58
CA LEU B 77 -26.65 -3.13 7.14
C LEU B 77 -25.22 -2.72 6.80
N VAL B 78 -24.73 -1.69 7.48
CA VAL B 78 -23.39 -1.19 7.19
C VAL B 78 -22.37 -2.22 7.64
N ASN B 79 -22.53 -2.80 8.83
CA ASN B 79 -21.60 -3.83 9.27
C ASN B 79 -21.59 -5.06 8.36
N ASP B 80 -22.76 -5.46 7.90
CA ASP B 80 -22.88 -6.55 6.92
C ASP B 80 -22.16 -6.22 5.63
N THR B 81 -22.26 -4.96 5.21
CA THR B 81 -21.61 -4.49 3.99
C THR B 81 -20.12 -4.64 4.13
N LEU B 82 -19.58 -4.16 5.26
CA LEU B 82 -18.16 -4.27 5.52
C LEU B 82 -17.65 -5.71 5.57
N LYS B 83 -18.42 -6.61 6.20
CA LYS B 83 -18.04 -8.01 6.22
C LYS B 83 -18.16 -8.68 4.84
N ALA B 84 -19.14 -8.22 4.05
CA ALA B 84 -19.27 -8.66 2.67
C ALA B 84 -18.02 -8.26 1.87
N LEU B 85 -17.54 -7.04 2.08
CA LEU B 85 -16.32 -6.57 1.43
C LEU B 85 -15.07 -7.33 1.89
N SER B 86 -14.95 -7.57 3.19
CA SER B 86 -13.87 -8.42 3.71
C SER B 86 -13.94 -9.83 3.10
N ALA B 87 -15.16 -10.37 2.92
CA ALA B 87 -15.31 -11.68 2.30
C ALA B 87 -14.85 -11.68 0.83
N ALA B 88 -15.17 -10.62 0.10
CA ALA B 88 -14.70 -10.47 -1.29
C ALA B 88 -13.18 -10.32 -1.33
N LYS B 89 -12.64 -9.61 -0.34
CA LYS B 89 -11.20 -9.40 -0.24
C LYS B 89 -10.46 -10.72 -0.14
N GLY B 90 -11.07 -11.66 0.60
CA GLY B 90 -10.47 -12.96 0.82
C GLY B 90 -10.90 -14.02 -0.17
N SER B 91 -11.50 -13.63 -1.29
CA SER B 91 -12.04 -14.58 -2.24
C SER B 91 -11.75 -14.20 -3.70
N LYS B 92 -11.70 -15.23 -4.55
CA LYS B 92 -11.57 -15.02 -6.00
C LYS B 92 -12.90 -15.14 -6.72
N ASP B 93 -13.95 -15.52 -5.99
CA ASP B 93 -15.30 -15.74 -6.54
C ASP B 93 -16.02 -14.41 -6.76
N PRO B 94 -16.33 -14.06 -8.02
CA PRO B 94 -17.04 -12.82 -8.35
C PRO B 94 -18.39 -12.67 -7.64
N ALA B 95 -19.01 -13.78 -7.25
CA ALA B 95 -20.26 -13.73 -6.47
C ALA B 95 -20.07 -12.96 -5.15
N THR B 96 -18.89 -13.07 -4.56
CA THR B 96 -18.60 -12.34 -3.32
C THR B 96 -18.51 -10.83 -3.60
N GLY B 97 -17.91 -10.46 -4.72
CA GLY B 97 -17.87 -9.07 -5.16
C GLY B 97 -19.27 -8.52 -5.38
N GLN B 98 -20.11 -9.32 -6.03
CA GLN B 98 -21.48 -8.92 -6.33
C GLN B 98 -22.30 -8.74 -5.06
N LYS B 99 -22.11 -9.64 -4.10
CA LYS B 99 -22.83 -9.54 -2.84
C LYS B 99 -22.48 -8.22 -2.15
N ALA B 100 -21.21 -7.84 -2.16
CA ALA B 100 -20.80 -6.56 -1.60
C ALA B 100 -21.51 -5.41 -2.33
N LEU B 101 -21.55 -5.49 -3.67
CA LEU B 101 -22.22 -4.47 -4.46
C LEU B 101 -23.70 -4.36 -4.10
N ASP B 102 -24.34 -5.52 -3.90
CA ASP B 102 -25.74 -5.56 -3.50
C ASP B 102 -26.00 -4.83 -2.18
N TYR B 103 -25.15 -5.08 -1.19
CA TYR B 103 -25.25 -4.37 0.11
C TYR B 103 -25.05 -2.86 -0.05
N ILE B 104 -24.01 -2.47 -0.77
CA ILE B 104 -23.74 -1.05 -1.03
C ILE B 104 -24.95 -0.40 -1.69
N ALA B 105 -25.57 -1.10 -2.64
CA ALA B 105 -26.79 -0.61 -3.29
C ALA B 105 -27.92 -0.33 -2.29
N GLN B 106 -28.06 -1.17 -1.27
CA GLN B 106 -29.04 -0.92 -0.21
C GLN B 106 -28.70 0.35 0.58
N ILE B 107 -27.39 0.58 0.82
CA ILE B 107 -26.94 1.81 1.50
C ILE B 107 -27.20 3.03 0.60
N ASP B 108 -26.99 2.87 -0.69
CA ASP B 108 -27.20 3.96 -1.65
C ASP B 108 -28.66 4.45 -1.62
N LYS B 109 -29.60 3.52 -1.60
CA LYS B 109 -31.01 3.85 -1.54
C LYS B 109 -31.36 4.62 -0.28
N ILE B 110 -30.88 4.12 0.86
CA ILE B 110 -31.14 4.76 2.15
C ILE B 110 -30.54 6.17 2.13
N PHE B 111 -29.31 6.27 1.64
CA PHE B 111 -28.61 7.56 1.55
C PHE B 111 -29.44 8.62 0.83
N TRP B 112 -29.95 8.30 -0.35
CA TRP B 112 -30.67 9.29 -1.13
C TRP B 112 -32.06 9.58 -0.55
N GLU B 113 -32.65 8.62 0.15
CA GLU B 113 -33.89 8.91 0.93
C GLU B 113 -33.63 9.95 2.02
N THR B 114 -32.48 9.88 2.69
CA THR B 114 -32.13 10.87 3.73
C THR B 114 -31.83 12.25 3.13
N LYS B 115 -31.45 12.28 1.85
CA LYS B 115 -31.13 13.54 1.16
C LYS B 115 -32.38 14.20 0.58
N LYS B 116 -33.51 13.48 0.58
CA LYS B 116 -34.77 14.06 0.13
C LYS B 116 -35.57 14.52 1.35
N VAL C 8 3.33 11.74 24.49
CA VAL C 8 2.22 10.80 24.11
C VAL C 8 2.72 9.72 23.13
N TYR C 9 3.84 9.10 23.51
CA TYR C 9 4.42 8.00 22.76
C TYR C 9 4.25 6.74 23.59
N ASP C 10 4.07 5.61 22.94
CA ASP C 10 3.99 4.33 23.62
C ASP C 10 4.51 3.26 22.67
N PRO C 11 5.55 2.52 23.08
CA PRO C 11 6.06 1.41 22.26
C PRO C 11 5.01 0.34 21.94
N ALA C 12 3.87 0.37 22.63
CA ALA C 12 2.77 -0.54 22.35
C ALA C 12 2.35 -0.53 20.87
N GLN C 13 2.51 0.59 20.18
CA GLN C 13 2.09 0.69 18.77
C GLN C 13 2.99 -0.18 17.91
N ALA C 14 4.30 -0.09 18.14
CA ALA C 14 5.26 -0.93 17.43
C ALA C 14 5.01 -2.40 17.77
N ARG C 15 4.76 -2.66 19.06
CA ARG C 15 4.52 -4.03 19.53
C ARG C 15 3.32 -4.67 18.83
N ILE C 16 2.17 -4.00 18.90
CA ILE C 16 0.92 -4.53 18.32
C ILE C 16 1.10 -4.83 16.83
N GLU C 17 1.81 -3.95 16.13
CA GLU C 17 2.04 -4.15 14.71
C GLU C 17 2.95 -5.36 14.49
N ALA C 18 4.01 -5.48 15.29
CA ALA C 18 4.92 -6.63 15.17
C ALA C 18 4.25 -7.94 15.61
N GLU C 19 3.35 -7.85 16.58
CA GLU C 19 2.52 -9.00 16.94
C GLU C 19 1.67 -9.44 15.75
N SER C 20 1.15 -8.48 14.98
CA SER C 20 0.39 -8.81 13.76
C SER C 20 1.26 -9.50 12.75
N VAL C 21 2.51 -9.05 12.62
CA VAL C 21 3.45 -9.70 11.71
C VAL C 21 3.62 -11.17 12.08
N LYS C 22 3.83 -11.44 13.37
CA LYS C 22 4.07 -12.79 13.84
C LYS C 22 2.84 -13.66 13.66
N ALA C 23 1.67 -13.14 14.01
CA ALA C 23 0.41 -13.90 13.85
C ALA C 23 0.17 -14.26 12.39
N VAL C 24 0.59 -13.40 11.47
CA VAL C 24 0.39 -13.67 10.05
C VAL C 24 1.35 -14.77 9.62
N GLN C 25 2.57 -14.74 10.16
CA GLN C 25 3.56 -15.77 9.85
C GLN C 25 3.07 -17.13 10.33
N GLU C 26 2.54 -17.18 11.54
CA GLU C 26 2.04 -18.43 12.08
C GLU C 26 0.94 -18.96 11.17
N LYS C 27 0.04 -18.08 10.73
CA LYS C 27 -1.09 -18.47 9.90
C LYS C 27 -0.66 -18.95 8.51
N MET C 28 0.44 -18.41 8.00
CA MET C 28 0.98 -18.84 6.70
C MET C 28 1.48 -20.29 6.75
N ALA C 29 1.83 -20.78 7.94
CA ALA C 29 2.25 -22.17 8.10
C ALA C 29 1.10 -23.17 8.04
N GLY C 30 -0.14 -22.70 8.22
CA GLY C 30 -1.29 -23.60 8.31
C GLY C 30 -2.17 -23.72 7.08
N ASN C 31 -1.75 -23.14 5.96
CA ASN C 31 -2.58 -23.07 4.76
C ASN C 31 -1.72 -22.62 3.60
N ASP C 32 -1.45 -23.52 2.66
CA ASP C 32 -0.58 -23.16 1.52
C ASP C 32 -1.34 -22.79 0.23
N ASP C 33 -2.62 -22.45 0.33
CA ASP C 33 -3.36 -21.90 -0.80
C ASP C 33 -2.69 -20.61 -1.31
N PRO C 34 -2.30 -20.56 -2.60
CA PRO C 34 -1.51 -19.41 -3.08
C PRO C 34 -2.17 -18.03 -2.92
N HIS C 35 -3.49 -17.96 -3.11
CA HIS C 35 -4.26 -16.72 -2.89
C HIS C 35 -4.11 -16.22 -1.46
N PHE C 36 -4.39 -17.11 -0.50
CA PHE C 36 -4.15 -16.81 0.92
C PHE C 36 -2.70 -16.42 1.23
N GLN C 37 -1.74 -17.12 0.63
CA GLN C 37 -0.32 -16.83 0.85
C GLN C 37 0.01 -15.42 0.39
N THR C 38 -0.55 -15.03 -0.75
CA THR C 38 -0.34 -13.68 -1.29
C THR C 38 -0.97 -12.60 -0.40
N ARG C 39 -2.21 -12.83 0.03
CA ARG C 39 -2.88 -11.90 0.93
C ARG C 39 -2.07 -11.72 2.21
N ALA C 40 -1.60 -12.84 2.77
CA ALA C 40 -0.80 -12.82 3.99
C ALA C 40 0.50 -12.04 3.80
N THR C 41 1.11 -12.20 2.64
CA THR C 41 2.35 -11.50 2.32
C THR C 41 2.09 -9.99 2.24
N VAL C 42 1.00 -9.61 1.58
CA VAL C 42 0.57 -8.21 1.51
C VAL C 42 0.38 -7.59 2.88
N ILE C 43 -0.40 -8.28 3.74
CA ILE C 43 -0.71 -7.78 5.08
C ILE C 43 0.56 -7.71 5.94
N LYS C 44 1.40 -8.73 5.84
CA LYS C 44 2.66 -8.75 6.59
C LYS C 44 3.62 -7.62 6.21
N GLU C 45 3.69 -7.30 4.92
CA GLU C 45 4.53 -6.21 4.43
C GLU C 45 4.13 -4.85 5.02
N GLN C 46 2.82 -4.60 5.12
CA GLN C 46 2.30 -3.31 5.62
C GLN C 46 2.52 -3.21 7.11
N ARG C 47 2.25 -4.30 7.82
CA ARG C 47 2.37 -4.32 9.28
C ARG C 47 3.80 -4.11 9.73
N ALA C 48 4.74 -4.76 9.07
CA ALA C 48 6.16 -4.61 9.39
C ALA C 48 6.65 -3.17 9.16
N GLU C 49 6.24 -2.57 8.05
CA GLU C 49 6.57 -1.16 7.75
C GLU C 49 5.95 -0.19 8.76
N LEU C 50 4.71 -0.46 9.20
CA LEU C 50 4.09 0.36 10.26
C LEU C 50 4.87 0.24 11.58
N ALA C 51 5.25 -0.98 11.92
CA ALA C 51 6.06 -1.25 13.11
C ALA C 51 7.39 -0.50 13.06
N LYS C 52 8.05 -0.58 11.92
CA LYS C 52 9.31 0.15 11.71
C LYS C 52 9.06 1.64 11.84
N HIS C 53 7.99 2.14 11.23
CA HIS C 53 7.68 3.57 11.37
C HIS C 53 7.57 3.96 12.84
N HIS C 54 6.77 3.22 13.58
CA HIS C 54 6.59 3.50 14.99
C HIS C 54 7.89 3.45 15.80
N VAL C 55 8.77 2.50 15.49
CA VAL C 55 10.06 2.38 16.17
C VAL C 55 10.96 3.58 15.85
N SER C 56 11.03 3.92 14.57
CA SER C 56 11.82 5.06 14.13
C SER C 56 11.34 6.37 14.80
N VAL C 57 10.03 6.52 14.94
CA VAL C 57 9.44 7.71 15.56
C VAL C 57 9.86 7.85 17.04
N LEU C 58 9.83 6.75 17.79
CA LEU C 58 10.31 6.76 19.18
C LEU C 58 11.75 7.26 19.25
N TRP C 59 12.58 6.69 18.38
CA TRP C 59 14.01 7.00 18.31
C TRP C 59 14.27 8.45 17.93
N SER C 60 13.58 8.94 16.91
CA SER C 60 13.82 10.31 16.44
C SER C 60 13.11 11.38 17.25
N ASP C 61 11.86 11.09 17.67
CA ASP C 61 11.00 12.12 18.26
C ASP C 61 10.86 12.05 19.78
N TYR C 62 10.88 10.86 20.38
CA TYR C 62 10.77 10.77 21.83
C TYR C 62 12.11 10.81 22.54
N PHE C 63 13.00 9.88 22.22
CA PHE C 63 14.32 9.81 22.87
C PHE C 63 15.18 11.07 22.61
N LYS C 64 15.89 11.53 23.65
CA LYS C 64 16.66 12.77 23.64
C LYS C 64 18.13 12.45 23.97
N PRO C 65 19.04 13.40 23.70
CA PRO C 65 20.47 13.19 23.96
C PRO C 65 20.82 12.66 25.38
N PRO C 66 20.13 13.13 26.44
CA PRO C 66 20.36 12.52 27.75
C PRO C 66 20.10 11.02 27.78
N HIS C 67 19.11 10.56 27.03
CA HIS C 67 18.77 9.13 26.97
C HIS C 67 19.86 8.36 26.23
N PHE C 68 20.39 8.95 25.15
CA PHE C 68 21.44 8.29 24.37
C PHE C 68 22.77 8.28 25.14
N GLU C 69 22.93 9.23 26.06
CA GLU C 69 24.08 9.23 26.97
C GLU C 69 23.93 8.12 28.01
N LYS C 70 22.78 8.08 28.65
CA LYS C 70 22.49 7.10 29.68
C LYS C 70 22.44 5.68 29.11
N TYR C 71 22.00 5.53 27.86
CA TYR C 71 21.92 4.23 27.20
C TYR C 71 22.69 4.26 25.87
N PRO C 72 24.03 4.15 25.94
CA PRO C 72 24.89 4.24 24.75
C PRO C 72 24.57 3.19 23.70
N GLU C 73 23.96 2.09 24.12
CA GLU C 73 23.61 1.01 23.22
C GLU C 73 22.29 1.26 22.49
N LEU C 74 21.59 2.34 22.83
CA LEU C 74 20.24 2.58 22.31
C LEU C 74 20.21 2.73 20.77
N HIS C 75 21.09 3.56 20.19
CA HIS C 75 21.15 3.76 18.75
C HIS C 75 21.22 2.42 17.99
N GLN C 76 22.16 1.57 18.39
CA GLN C 76 22.37 0.26 17.77
C GLN C 76 21.20 -0.68 18.03
N LEU C 77 20.61 -0.59 19.22
CA LEU C 77 19.42 -1.38 19.54
C LEU C 77 18.31 -1.07 18.55
N VAL C 78 18.05 0.22 18.35
CA VAL C 78 16.98 0.67 17.46
C VAL C 78 17.24 0.22 16.02
N ASN C 79 18.49 0.36 15.57
CA ASN C 79 18.87 -0.10 14.25
C ASN C 79 18.69 -1.61 14.07
N ASP C 80 19.11 -2.39 15.07
CA ASP C 80 18.90 -3.83 15.06
C ASP C 80 17.42 -4.18 15.06
N THR C 81 16.63 -3.41 15.81
CA THR C 81 15.19 -3.63 15.87
C THR C 81 14.58 -3.43 14.49
N LEU C 82 14.90 -2.32 13.85
CA LEU C 82 14.41 -2.06 12.49
C LEU C 82 14.88 -3.11 11.48
N LYS C 83 16.14 -3.54 11.60
CA LYS C 83 16.66 -4.61 10.76
C LYS C 83 15.98 -5.95 11.04
N ALA C 84 15.66 -6.22 12.31
CA ALA C 84 14.90 -7.43 12.66
C ALA C 84 13.50 -7.41 12.04
N LEU C 85 12.87 -6.24 12.05
CA LEU C 85 11.54 -6.11 11.48
C LEU C 85 11.57 -6.31 9.97
N SER C 86 12.64 -5.81 9.32
CA SER C 86 12.82 -6.03 7.88
C SER C 86 13.05 -7.51 7.59
N ALA C 87 13.81 -8.17 8.45
CA ALA C 87 14.03 -9.61 8.29
C ALA C 87 12.72 -10.37 8.45
N ALA C 88 11.88 -9.95 9.40
CA ALA C 88 10.57 -10.59 9.61
C ALA C 88 9.69 -10.39 8.40
N LYS C 89 9.72 -9.17 7.87
CA LYS C 89 9.00 -8.81 6.66
C LYS C 89 9.33 -9.75 5.49
N GLY C 90 10.60 -10.09 5.36
CA GLY C 90 11.06 -10.97 4.28
C GLY C 90 10.97 -12.45 4.56
N SER C 91 10.32 -12.83 5.66
CA SER C 91 10.32 -14.22 6.07
C SER C 91 8.92 -14.71 6.48
N LYS C 92 8.74 -16.03 6.44
CA LYS C 92 7.51 -16.65 6.93
C LYS C 92 7.70 -17.28 8.31
N ASP C 93 8.94 -17.32 8.78
CA ASP C 93 9.28 -17.94 10.04
C ASP C 93 8.80 -17.06 11.20
N PRO C 94 7.84 -17.57 12.01
CA PRO C 94 7.34 -16.84 13.18
C PRO C 94 8.43 -16.47 14.18
N ALA C 95 9.55 -17.20 14.16
CA ALA C 95 10.68 -16.89 15.04
C ALA C 95 11.34 -15.56 14.67
N THR C 96 11.22 -15.15 13.41
CA THR C 96 11.76 -13.83 13.01
C THR C 96 10.87 -12.71 13.56
N GLY C 97 9.56 -12.95 13.54
CA GLY C 97 8.60 -12.03 14.16
C GLY C 97 8.87 -11.90 15.65
N GLN C 98 9.19 -13.03 16.28
CA GLN C 98 9.47 -13.06 17.70
C GLN C 98 10.78 -12.36 18.05
N LYS C 99 11.79 -12.47 17.17
CA LYS C 99 13.04 -11.73 17.39
C LYS C 99 12.78 -10.23 17.33
N ALA C 100 11.98 -9.80 16.37
CA ALA C 100 11.55 -8.40 16.30
C ALA C 100 10.87 -7.96 17.59
N LEU C 101 9.95 -8.78 18.09
CA LEU C 101 9.24 -8.47 19.33
C LEU C 101 10.21 -8.43 20.50
N ASP C 102 11.16 -9.36 20.52
CA ASP C 102 12.22 -9.36 21.54
C ASP C 102 12.98 -8.03 21.55
N TYR C 103 13.39 -7.56 20.38
CA TYR C 103 14.08 -6.27 20.28
C TYR C 103 13.20 -5.12 20.76
N ILE C 104 11.94 -5.13 20.35
CA ILE C 104 10.96 -4.12 20.77
C ILE C 104 10.76 -4.13 22.29
N ALA C 105 10.77 -5.32 22.89
CA ALA C 105 10.63 -5.43 24.34
C ALA C 105 11.80 -4.77 25.06
N GLN C 106 12.99 -4.81 24.47
CA GLN C 106 14.16 -4.17 25.06
C GLN C 106 14.05 -2.64 24.98
N ILE C 107 13.58 -2.14 23.85
CA ILE C 107 13.23 -0.70 23.69
C ILE C 107 12.17 -0.27 24.71
N ASP C 108 11.12 -1.08 24.85
CA ASP C 108 10.02 -0.82 25.78
C ASP C 108 10.54 -0.72 27.20
N LYS C 109 11.46 -1.60 27.57
CA LYS C 109 12.07 -1.57 28.90
C LYS C 109 12.76 -0.23 29.13
N ILE C 110 13.63 0.16 28.21
CA ILE C 110 14.31 1.45 28.28
C ILE C 110 13.32 2.61 28.27
N PHE C 111 12.33 2.57 27.37
CA PHE C 111 11.33 3.62 27.27
C PHE C 111 10.65 3.91 28.62
N TRP C 112 10.13 2.87 29.26
CA TRP C 112 9.46 3.05 30.55
C TRP C 112 10.41 3.40 31.69
N GLU C 113 11.69 3.01 31.56
CA GLU C 113 12.71 3.46 32.51
C GLU C 113 12.89 4.98 32.43
N THR C 114 12.83 5.54 31.22
CA THR C 114 12.96 7.00 31.05
C THR C 114 11.70 7.77 31.47
N LYS C 115 10.58 7.07 31.59
CA LYS C 115 9.36 7.69 32.09
C LYS C 115 9.31 7.79 33.61
N LYS C 116 10.20 7.05 34.29
CA LYS C 116 10.26 7.11 35.76
C LYS C 116 10.94 8.41 36.23
#